data_2YBY
#
_entry.id   2YBY
#
_cell.length_a   29.620
_cell.length_b   34.611
_cell.length_c   107.357
_cell.angle_alpha   90.00
_cell.angle_beta   90.00
_cell.angle_gamma   90.00
#
_symmetry.space_group_name_H-M   'P 21 21 21'
#
loop_
_entity.id
_entity.type
_entity.pdbx_description
1 polymer 'COMPLEMENT FACTOR H'
2 non-polymer 1,2-ETHANEDIOL
3 water water
#
_entity_poly.entity_id   1
_entity_poly.type   'polypeptide(L)'
_entity_poly.pdbx_seq_one_letter_code
;ALKPCEFPQFKYGRLYYEESLRPNFPVSIGNKYSYKCDNGFSPPSGYSWDYLRCTAQGWEPEVPCVRKCVFHYVENGDSA
YWEKVYVQGQSLKVQCYNGYSLQNGQDTMTCTENGWSPPPKCIR
;
_entity_poly.pdbx_strand_id   A
#
loop_
_chem_comp.id
_chem_comp.type
_chem_comp.name
_chem_comp.formula
EDO non-polymer 1,2-ETHANEDIOL 'C2 H6 O2'
#
# COMPACT_ATOMS: atom_id res chain seq x y z
N ALA A 1 3.55 23.27 -24.75
CA ALA A 1 4.06 22.07 -24.10
C ALA A 1 2.95 21.06 -24.15
N LEU A 2 3.32 19.78 -24.28
CA LEU A 2 2.31 18.74 -24.32
C LEU A 2 1.73 18.56 -22.94
N LYS A 3 0.42 18.32 -22.87
CA LYS A 3 -0.34 18.11 -21.63
C LYS A 3 -1.14 16.78 -21.77
N PRO A 4 -0.44 15.64 -21.65
CA PRO A 4 -1.11 14.35 -21.88
C PRO A 4 -1.80 13.69 -20.69
N CYS A 5 -1.56 14.20 -19.46
CA CYS A 5 -2.11 13.57 -18.25
C CYS A 5 -3.37 14.24 -17.80
N GLU A 6 -4.50 13.54 -17.92
CA GLU A 6 -5.78 14.08 -17.50
C GLU A 6 -5.94 13.97 -15.98
N PHE A 7 -7.02 14.58 -15.44
CA PHE A 7 -7.32 14.57 -14.01
C PHE A 7 -7.32 13.11 -13.51
N PRO A 8 -6.43 12.73 -12.58
CA PRO A 8 -6.34 11.32 -12.16
C PRO A 8 -7.39 10.91 -11.17
N GLN A 9 -8.21 9.90 -11.55
CA GLN A 9 -9.23 9.33 -10.66
C GLN A 9 -8.99 7.83 -10.54
N PHE A 10 -8.79 7.32 -9.32
CA PHE A 10 -8.41 5.92 -9.11
C PHE A 10 -9.08 5.37 -7.86
N LYS A 11 -9.09 4.04 -7.65
CA LYS A 11 -9.74 3.46 -6.49
C LYS A 11 -8.95 3.59 -5.23
N TYR A 12 -9.66 3.64 -4.13
CA TYR A 12 -9.15 3.62 -2.79
C TYR A 12 -8.23 4.76 -2.38
N GLY A 13 -8.39 5.89 -3.02
CA GLY A 13 -7.66 7.08 -2.64
C GLY A 13 -7.90 8.23 -3.60
N ARG A 14 -7.20 9.32 -3.30
CA ARG A 14 -7.35 10.54 -4.09
C ARG A 14 -6.21 11.51 -3.92
N LEU A 15 -6.04 12.39 -4.89
CA LEU A 15 -5.13 13.51 -4.72
C LEU A 15 -5.58 14.38 -3.55
N TYR A 16 -4.59 14.99 -2.89
CA TYR A 16 -4.88 16.06 -1.94
C TYR A 16 -5.28 17.27 -2.81
N TYR A 17 -6.09 18.17 -2.25
CA TYR A 17 -6.47 19.41 -2.97
C TYR A 17 -7.14 19.18 -4.30
N GLU A 18 -7.94 18.14 -4.38
CA GLU A 18 -8.64 17.75 -5.60
C GLU A 18 -9.39 18.97 -6.23
N GLU A 19 -10.03 19.86 -5.38
CA GLU A 19 -10.84 20.99 -5.92
C GLU A 19 -10.01 22.21 -6.38
N SER A 20 -8.92 22.56 -5.70
CA SER A 20 -8.03 23.63 -6.20
C SER A 20 -7.33 23.14 -7.51
N LEU A 21 -7.11 21.78 -7.65
CA LEU A 21 -6.38 21.20 -8.77
C LEU A 21 -7.13 20.67 -9.99
N ARG A 22 -8.30 20.05 -9.84
CA ARG A 22 -9.06 19.42 -10.94
C ARG A 22 -9.10 20.27 -12.23
N PRO A 23 -9.41 21.58 -12.13
CA PRO A 23 -9.41 22.43 -13.33
C PRO A 23 -8.05 22.68 -14.01
N ASN A 24 -6.94 22.40 -13.31
CA ASN A 24 -5.57 22.59 -13.83
C ASN A 24 -5.24 21.54 -14.91
N PHE A 25 -5.97 20.42 -14.92
CA PHE A 25 -5.74 19.29 -15.81
C PHE A 25 -6.32 19.52 -17.20
N PRO A 26 -5.72 18.95 -18.27
CA PRO A 26 -4.51 18.12 -18.28
C PRO A 26 -3.20 18.84 -17.96
N VAL A 27 -2.17 18.05 -17.60
CA VAL A 27 -0.88 18.59 -17.19
C VAL A 27 0.25 17.89 -17.94
N SER A 28 1.46 18.48 -17.90
CA SER A 28 2.64 17.98 -18.60
C SER A 28 3.40 16.88 -17.90
N ILE A 29 4.21 16.14 -18.67
CA ILE A 29 5.08 15.08 -18.16
C ILE A 29 6.09 15.73 -17.21
N GLY A 30 6.32 15.08 -16.07
CA GLY A 30 7.21 15.61 -15.05
C GLY A 30 6.45 16.16 -13.85
N ASN A 31 5.18 16.60 -14.02
CA ASN A 31 4.42 17.13 -12.90
C ASN A 31 4.09 15.98 -11.94
N LYS A 32 3.97 16.29 -10.68
CA LYS A 32 3.62 15.27 -9.68
C LYS A 32 2.69 15.86 -8.68
N TYR A 33 1.84 15.01 -8.07
CA TYR A 33 0.83 15.49 -7.14
C TYR A 33 0.74 14.57 -5.95
N SER A 34 0.68 15.12 -4.72
CA SER A 34 0.58 14.28 -3.55
C SER A 34 -0.79 13.65 -3.48
N TYR A 35 -0.87 12.41 -2.96
CA TYR A 35 -2.13 11.71 -2.79
C TYR A 35 -2.09 10.88 -1.55
N LYS A 36 -3.26 10.47 -1.12
CA LYS A 36 -3.40 9.61 0.06
C LYS A 36 -4.38 8.50 -0.28
N CYS A 37 -4.40 7.48 0.54
CA CYS A 37 -5.27 6.34 0.34
C CYS A 37 -6.27 6.23 1.47
N ASP A 38 -7.37 5.52 1.17
CA ASP A 38 -8.40 5.22 2.16
C ASP A 38 -7.83 4.36 3.31
N ASN A 39 -8.47 4.40 4.48
CA ASN A 39 -8.10 3.52 5.57
C ASN A 39 -8.10 2.09 5.10
N GLY A 40 -7.04 1.37 5.43
CA GLY A 40 -6.86 0.00 4.99
C GLY A 40 -6.02 -0.15 3.73
N PHE A 41 -5.65 0.99 3.11
CA PHE A 41 -4.91 1.04 1.86
C PHE A 41 -3.71 1.94 1.96
N SER A 42 -2.82 1.78 0.99
CA SER A 42 -1.57 2.51 1.07
C SER A 42 -0.96 2.72 -0.31
N PRO A 43 -0.09 3.74 -0.49
CA PRO A 43 0.75 3.77 -1.69
C PRO A 43 1.73 2.56 -1.62
N PRO A 44 2.21 2.09 -2.79
CA PRO A 44 3.13 0.94 -2.77
C PRO A 44 4.40 1.12 -1.95
N SER A 45 4.81 2.37 -1.70
CA SER A 45 5.99 2.67 -0.90
C SER A 45 5.77 2.37 0.60
N GLY A 46 4.51 2.27 1.04
CA GLY A 46 4.17 2.02 2.43
C GLY A 46 4.17 3.26 3.31
N TYR A 47 4.40 4.45 2.73
CA TYR A 47 4.30 5.70 3.47
C TYR A 47 2.86 6.16 3.55
N SER A 48 2.57 7.14 4.38
CA SER A 48 1.19 7.60 4.63
C SER A 48 0.61 8.38 3.46
N TRP A 49 1.45 8.79 2.54
CA TRP A 49 1.07 9.52 1.33
C TRP A 49 2.19 9.33 0.34
N ASP A 50 1.97 9.66 -0.94
CA ASP A 50 3.06 9.60 -1.93
C ASP A 50 2.69 10.49 -3.13
N TYR A 51 3.57 10.51 -4.16
CA TYR A 51 3.34 11.30 -5.36
C TYR A 51 2.81 10.44 -6.52
N LEU A 52 1.83 10.98 -7.24
CA LEU A 52 1.32 10.41 -8.48
C LEU A 52 2.04 11.22 -9.55
N ARG A 53 2.76 10.54 -10.44
CA ARG A 53 3.63 11.20 -11.40
C ARG A 53 3.13 11.10 -12.80
N CYS A 54 3.12 12.23 -13.51
CA CYS A 54 2.72 12.21 -14.93
C CYS A 54 3.96 11.79 -15.76
N THR A 55 3.93 10.60 -16.36
CA THR A 55 5.07 10.09 -17.13
C THR A 55 4.68 9.94 -18.61
N ALA A 56 5.65 9.51 -19.44
CA ALA A 56 5.38 9.23 -20.86
C ALA A 56 4.45 8.02 -21.04
N GLN A 57 4.24 7.21 -19.97
CA GLN A 57 3.31 6.08 -19.97
C GLN A 57 1.99 6.44 -19.23
N GLY A 58 1.79 7.73 -18.95
CA GLY A 58 0.63 8.21 -18.23
C GLY A 58 0.93 8.24 -16.74
N TRP A 59 -0.11 8.29 -15.92
CA TRP A 59 0.08 8.33 -14.47
C TRP A 59 0.71 7.08 -13.95
N GLU A 60 1.64 7.25 -12.99
CA GLU A 60 2.28 6.16 -12.29
CA GLU A 60 2.27 6.17 -12.27
C GLU A 60 2.26 6.49 -10.79
N PRO A 61 1.96 5.51 -9.92
CA PRO A 61 1.62 4.08 -10.23
C PRO A 61 0.32 3.86 -10.97
N GLU A 62 0.22 2.73 -11.69
CA GLU A 62 -1.01 2.38 -12.40
C GLU A 62 -2.13 2.19 -11.41
N VAL A 63 -1.81 1.58 -10.25
CA VAL A 63 -2.74 1.31 -9.18
C VAL A 63 -2.13 2.06 -7.95
N PRO A 64 -2.55 3.30 -7.73
CA PRO A 64 -1.85 4.12 -6.72
C PRO A 64 -2.03 3.66 -5.28
N CYS A 65 -3.18 3.07 -4.99
CA CYS A 65 -3.52 2.62 -3.66
C CYS A 65 -3.79 1.13 -3.71
N VAL A 66 -3.06 0.42 -2.86
CA VAL A 66 -3.12 -1.05 -2.74
C VAL A 66 -3.42 -1.43 -1.28
N ARG A 67 -3.79 -2.69 -1.04
CA ARG A 67 -4.03 -3.12 0.33
C ARG A 67 -2.81 -2.89 1.24
N LYS A 68 -3.07 -2.40 2.46
CA LYS A 68 -2.09 -2.18 3.50
C LYS A 68 -2.30 -3.26 4.56
N CYS A 69 -1.20 -3.92 4.98
CA CYS A 69 -1.22 -4.89 6.05
C CYS A 69 -0.21 -4.44 7.08
N VAL A 70 -0.63 -4.27 8.31
CA VAL A 70 0.22 -3.81 9.39
C VAL A 70 0.71 -5.01 10.16
N PHE A 71 2.04 -5.08 10.40
CA PHE A 71 2.62 -6.13 11.20
C PHE A 71 2.89 -5.57 12.60
N HIS A 72 2.43 -6.23 13.65
CA HIS A 72 2.70 -5.79 15.03
C HIS A 72 2.58 -6.95 15.98
N TYR A 73 1.35 -7.42 16.26
CA TYR A 73 1.07 -8.49 17.21
CA TYR A 73 1.16 -8.51 17.21
C TYR A 73 0.99 -9.86 16.55
N VAL A 74 1.60 -10.88 17.18
CA VAL A 74 1.52 -12.27 16.75
C VAL A 74 1.08 -13.06 17.98
N GLU A 75 -0.02 -13.79 17.86
CA GLU A 75 -0.50 -14.64 18.95
C GLU A 75 0.35 -15.89 18.96
N ASN A 76 0.94 -16.22 20.13
CA ASN A 76 1.82 -17.38 20.37
C ASN A 76 3.07 -17.24 19.48
N GLY A 77 3.55 -16.01 19.35
CA GLY A 77 4.71 -15.71 18.53
C GLY A 77 5.37 -14.41 18.93
N ASP A 78 6.39 -14.05 18.20
CA ASP A 78 7.17 -12.87 18.47
C ASP A 78 6.57 -11.58 17.88
N SER A 79 6.05 -10.68 18.74
CA SER A 79 5.50 -9.41 18.29
C SER A 79 6.58 -8.35 18.14
N ALA A 80 6.36 -7.36 17.26
CA ALA A 80 7.25 -6.20 17.04
C ALA A 80 6.94 -5.09 18.11
N TYR A 81 7.80 -4.05 18.24
CA TYR A 81 7.57 -2.95 19.23
C TYR A 81 6.78 -1.79 18.69
N TRP A 82 6.70 -1.66 17.37
CA TRP A 82 5.90 -0.63 16.74
C TRP A 82 5.35 -1.21 15.47
N GLU A 83 4.31 -0.58 14.96
CA GLU A 83 3.61 -0.99 13.75
C GLU A 83 4.48 -0.85 12.51
N LYS A 84 4.68 -1.95 11.77
CA LYS A 84 5.44 -1.90 10.53
C LYS A 84 4.46 -2.10 9.38
N VAL A 85 4.44 -1.15 8.43
CA VAL A 85 3.56 -1.23 7.29
C VAL A 85 4.09 -2.14 6.20
N TYR A 86 3.24 -3.04 5.74
CA TYR A 86 3.47 -3.82 4.53
C TYR A 86 2.37 -3.53 3.55
N VAL A 87 2.64 -3.75 2.26
CA VAL A 87 1.68 -3.53 1.19
C VAL A 87 1.48 -4.77 0.39
N GLN A 88 0.40 -4.78 -0.38
CA GLN A 88 -0.02 -5.90 -1.18
C GLN A 88 1.12 -6.51 -2.00
N GLY A 89 1.32 -7.81 -1.80
CA GLY A 89 2.38 -8.54 -2.50
C GLY A 89 3.61 -8.80 -1.64
N GLN A 90 3.78 -8.06 -0.53
CA GLN A 90 4.91 -8.25 0.37
C GLN A 90 4.63 -9.40 1.35
N SER A 91 5.71 -10.02 1.82
CA SER A 91 5.64 -11.12 2.78
C SER A 91 6.75 -11.03 3.80
N LEU A 92 6.52 -11.67 4.94
CA LEU A 92 7.55 -11.76 5.99
C LEU A 92 7.43 -13.10 6.69
N LYS A 93 8.47 -13.47 7.40
CA LYS A 93 8.49 -14.73 8.13
C LYS A 93 8.19 -14.41 9.58
N VAL A 94 7.17 -15.08 10.12
CA VAL A 94 6.76 -14.89 11.50
C VAL A 94 7.45 -15.95 12.36
N GLN A 95 7.82 -15.56 13.56
CA GLN A 95 8.48 -16.40 14.54
C GLN A 95 7.42 -16.93 15.51
N CYS A 96 6.97 -18.16 15.30
CA CYS A 96 6.01 -18.84 16.21
C CYS A 96 6.78 -19.51 17.35
N TYR A 97 6.08 -19.81 18.46
CA TYR A 97 6.69 -20.50 19.62
C TYR A 97 6.06 -21.84 19.96
N ASN A 98 6.81 -22.67 20.72
CA ASN A 98 6.38 -23.90 21.37
C ASN A 98 5.61 -24.95 20.57
N GLY A 99 6.02 -25.19 19.33
CA GLY A 99 5.34 -26.17 18.49
C GLY A 99 4.12 -25.62 17.76
N TYR A 100 3.81 -24.31 17.96
CA TYR A 100 2.71 -23.67 17.22
C TYR A 100 3.28 -23.23 15.87
N SER A 101 2.42 -23.06 14.90
CA SER A 101 2.84 -22.61 13.57
C SER A 101 1.71 -21.91 12.86
N LEU A 102 2.02 -21.37 11.67
CA LEU A 102 1.01 -20.77 10.80
C LEU A 102 0.41 -21.81 9.83
N GLN A 103 0.88 -23.09 9.89
CA GLN A 103 0.37 -24.20 9.07
C GLN A 103 0.60 -24.03 7.57
N ASN A 104 1.74 -23.49 7.17
CA ASN A 104 2.03 -23.33 5.75
C ASN A 104 3.49 -23.63 5.43
N GLY A 105 4.13 -24.45 6.27
CA GLY A 105 5.50 -24.91 6.13
C GLY A 105 6.55 -23.93 6.63
N GLN A 106 6.58 -22.74 6.02
CA GLN A 106 7.60 -21.75 6.31
C GLN A 106 7.17 -20.65 7.29
N ASP A 107 5.95 -20.68 7.85
CA ASP A 107 5.51 -19.62 8.74
C ASP A 107 5.64 -18.24 8.12
N THR A 108 5.32 -18.14 6.83
CA THR A 108 5.34 -16.84 6.14
C THR A 108 3.91 -16.34 6.01
N MET A 109 3.76 -15.02 6.06
CA MET A 109 2.46 -14.35 5.89
C MET A 109 2.65 -13.46 4.69
N THR A 110 1.61 -13.34 3.83
CA THR A 110 1.67 -12.49 2.65
C THR A 110 0.56 -11.47 2.78
N CYS A 111 0.84 -10.21 2.42
CA CYS A 111 -0.18 -9.18 2.42
C CYS A 111 -0.98 -9.34 1.09
N THR A 112 -2.20 -9.82 1.17
CA THR A 112 -3.07 -10.04 -0.01
C THR A 112 -4.10 -8.94 -0.12
N GLU A 113 -4.92 -9.00 -1.19
CA GLU A 113 -5.99 -8.02 -1.43
C GLU A 113 -6.94 -7.92 -0.24
N ASN A 114 -7.08 -9.02 0.56
CA ASN A 114 -7.92 -9.08 1.75
C ASN A 114 -7.15 -9.23 3.08
N GLY A 115 -5.97 -8.64 3.16
CA GLY A 115 -5.22 -8.65 4.40
C GLY A 115 -4.20 -9.77 4.48
N TRP A 116 -3.68 -10.01 5.66
CA TRP A 116 -2.65 -11.03 5.87
C TRP A 116 -3.18 -12.44 5.62
N SER A 117 -2.40 -13.24 4.93
CA SER A 117 -2.73 -14.66 4.76
C SER A 117 -1.50 -15.51 4.95
N PRO A 118 -1.59 -16.44 5.90
CA PRO A 118 -2.67 -16.60 6.88
C PRO A 118 -2.58 -15.46 7.91
N PRO A 119 -3.52 -15.33 8.85
CA PRO A 119 -3.39 -14.28 9.87
C PRO A 119 -2.23 -14.53 10.83
N PRO A 120 -1.80 -13.47 11.54
CA PRO A 120 -0.69 -13.60 12.49
C PRO A 120 -1.10 -14.26 13.80
N LYS A 121 -1.50 -15.50 13.68
CA LYS A 121 -1.95 -16.33 14.79
C LYS A 121 -1.27 -17.70 14.64
N CYS A 122 -0.33 -18.00 15.54
CA CYS A 122 0.36 -19.30 15.51
C CYS A 122 -0.55 -20.29 16.28
N ILE A 123 -0.85 -21.43 15.67
CA ILE A 123 -1.78 -22.43 16.24
C ILE A 123 -1.19 -23.85 16.27
C1 EDO B . 8.45 -11.90 14.32
O1 EDO B . 7.28 -12.73 14.38
C2 EDO B . 9.38 -12.33 13.20
O2 EDO B . 9.10 -11.52 12.07
#